data_7LGK
#
_entry.id   7LGK
#
_cell.length_a   123.990
_cell.length_b   123.990
_cell.length_c   123.990
_cell.angle_alpha   90.000
_cell.angle_beta   90.000
_cell.angle_gamma   90.000
#
_symmetry.space_group_name_H-M   'P 21 3'
#
loop_
_entity.id
_entity.type
_entity.pdbx_description
1 polymer 'H-NOX domain protein'
2 non-polymer Runcaciguat
3 non-polymer 'CHLORIDE ION'
4 non-polymer GLYCEROL
5 water water
#
_entity_poly.entity_id   1
_entity_poly.type   'polypeptide(L)'
_entity_poly.pdbx_seq_one_letter_code
;MYGLVNKAIQDMISKHHGEDTWEAIKQKAGLEDIDFFVGMEAYSDDVTYHLVGAASEVLGKPAEELLIAFGEYWVTYTSE
EGYGELLASAGDSLPEFMENLDNLHARVGLSFPQLRPPAFECQHTSSKSMELHYQSTRAGLAPMVLGLLHGLGKRFQTKV
EVTQTAFRETGEDHDIFSIKYE
;
_entity_poly.pdbx_strand_id   A,B
#
# COMPACT_ATOMS: atom_id res chain seq x y z
N MET A 1 -8.11 -6.36 7.23
CA MET A 1 -6.95 -7.19 7.32
C MET A 1 -7.40 -8.66 7.45
N TYR A 2 -6.47 -9.60 7.28
CA TYR A 2 -6.82 -11.02 7.43
C TYR A 2 -6.96 -11.38 8.88
N GLY A 3 -7.89 -12.28 9.12
CA GLY A 3 -8.19 -12.74 10.48
C GLY A 3 -7.05 -12.99 11.40
N LEU A 4 -5.96 -13.46 10.85
CA LEU A 4 -4.76 -13.74 11.64
C LEU A 4 -4.33 -12.52 12.55
N VAL A 5 -4.38 -11.31 12.04
CA VAL A 5 -4.08 -10.11 12.77
C VAL A 5 -5.02 -9.99 14.04
N ASN A 6 -6.30 -10.20 13.84
CA ASN A 6 -7.24 -9.98 14.81
C ASN A 6 -7.12 -11.07 15.83
N LYS A 7 -6.93 -12.31 15.36
CA LYS A 7 -6.64 -13.40 16.31
C LYS A 7 -5.47 -13.10 17.17
N ALA A 8 -4.41 -12.54 16.58
CA ALA A 8 -3.21 -12.23 17.37
C ALA A 8 -3.49 -11.19 18.45
N ILE A 9 -4.30 -10.18 18.12
CA ILE A 9 -4.67 -9.16 19.10
C ILE A 9 -5.46 -9.76 20.24
N GLN A 10 -6.42 -10.62 19.86
CA GLN A 10 -7.21 -11.33 20.85
C GLN A 10 -6.29 -12.16 21.78
N ASP A 11 -5.33 -12.87 21.22
CA ASP A 11 -4.45 -13.70 21.98
C ASP A 11 -3.47 -12.88 22.87
N MET A 12 -2.96 -11.76 22.35
CA MET A 12 -2.14 -10.89 23.12
C MET A 12 -2.98 -10.32 24.29
N ILE A 13 -4.17 -9.81 24.03
CA ILE A 13 -4.96 -9.31 25.12
C ILE A 13 -5.33 -10.43 26.14
N SER A 14 -5.75 -11.56 25.63
CA SER A 14 -6.19 -12.68 26.48
C SER A 14 -5.08 -13.18 27.40
N LYS A 15 -3.87 -13.38 26.92
CA LYS A 15 -2.82 -13.87 27.78
C LYS A 15 -2.41 -12.87 28.82
N HIS A 16 -2.41 -11.60 28.47
CA HIS A 16 -1.92 -10.58 29.38
C HIS A 16 -3.03 -10.12 30.36
N HIS A 17 -4.34 -10.25 30.03
CA HIS A 17 -5.45 -9.67 30.85
C HIS A 17 -6.68 -10.58 30.99
N GLY A 18 -6.57 -11.89 30.76
CA GLY A 18 -7.75 -12.80 30.87
C GLY A 18 -8.99 -12.55 30.03
N GLU A 19 -10.01 -13.40 30.18
CA GLU A 19 -11.06 -13.49 29.16
C GLU A 19 -12.20 -12.47 29.23
N ASP A 20 -12.75 -12.19 30.39
CA ASP A 20 -13.90 -11.23 30.52
C ASP A 20 -13.57 -9.80 30.00
N THR A 21 -12.34 -9.34 30.26
CA THR A 21 -11.73 -8.14 29.60
C THR A 21 -11.78 -8.21 28.05
N TRP A 22 -11.33 -9.35 27.52
CA TRP A 22 -11.44 -9.58 26.06
C TRP A 22 -12.88 -9.31 25.58
N GLU A 23 -13.79 -10.00 26.25
CA GLU A 23 -15.20 -9.91 25.91
C GLU A 23 -15.75 -8.50 26.03
N ALA A 24 -15.34 -7.77 27.06
CA ALA A 24 -15.79 -6.37 27.13
C ALA A 24 -15.19 -5.51 25.95
N ILE A 25 -13.89 -5.70 25.67
CA ILE A 25 -13.23 -5.08 24.49
C ILE A 25 -13.96 -5.41 23.23
N LYS A 26 -14.30 -6.67 23.12
CA LYS A 26 -15.10 -7.12 21.98
C LYS A 26 -16.44 -6.38 21.78
N GLN A 27 -17.27 -6.37 22.83
CA GLN A 27 -18.55 -5.64 22.81
C GLN A 27 -18.31 -4.13 22.53
N LYS A 28 -17.36 -3.51 23.22
CA LYS A 28 -17.08 -2.07 23.02
C LYS A 28 -16.62 -1.79 21.59
N ALA A 29 -15.87 -2.73 20.96
CA ALA A 29 -15.55 -2.66 19.54
C ALA A 29 -16.72 -2.75 18.53
N GLY A 30 -17.89 -3.14 19.02
CA GLY A 30 -19.01 -3.45 18.12
C GLY A 30 -18.89 -4.84 17.44
N LEU A 31 -18.25 -5.81 18.12
CA LEU A 31 -17.89 -7.08 17.47
C LEU A 31 -18.51 -8.27 18.17
N GLU A 32 -19.61 -8.05 18.91
CA GLU A 32 -20.28 -9.14 19.63
C GLU A 32 -20.86 -10.19 18.66
N ASP A 33 -21.30 -9.77 17.45
CA ASP A 33 -21.83 -10.72 16.39
C ASP A 33 -20.81 -11.89 16.13
N ILE A 34 -19.77 -11.58 15.36
CA ILE A 34 -18.48 -12.32 15.29
C ILE A 34 -18.12 -13.15 16.58
N ASP A 35 -18.09 -14.47 16.43
CA ASP A 35 -17.85 -15.36 17.55
C ASP A 35 -16.40 -15.74 17.78
N PHE A 36 -15.67 -15.77 16.63
CA PHE A 36 -14.27 -16.09 16.59
C PHE A 36 -13.72 -15.60 15.24
N PHE A 37 -12.47 -15.21 15.25
CA PHE A 37 -11.91 -14.80 14.02
C PHE A 37 -11.43 -16.01 13.22
N VAL A 38 -11.58 -15.94 11.90
CA VAL A 38 -11.10 -16.96 10.93
C VAL A 38 -9.78 -16.49 10.32
N GLY A 39 -8.70 -17.19 10.58
CA GLY A 39 -7.33 -16.78 10.17
C GLY A 39 -7.08 -16.39 8.75
N MET A 40 -7.63 -17.15 7.81
CA MET A 40 -7.41 -16.89 6.44
C MET A 40 -8.48 -16.05 5.80
N GLU A 41 -9.43 -15.56 6.57
CA GLU A 41 -10.55 -14.78 6.02
C GLU A 41 -10.20 -13.32 6.09
N ALA A 42 -10.50 -12.58 5.00
CA ALA A 42 -10.44 -11.14 4.93
C ALA A 42 -11.54 -10.46 5.74
N TYR A 43 -11.18 -9.51 6.58
CA TYR A 43 -12.12 -8.68 7.33
C TYR A 43 -11.91 -7.23 6.92
N SER A 44 -12.91 -6.40 7.12
CA SER A 44 -12.75 -4.96 7.03
C SER A 44 -11.63 -4.47 8.01
N ASP A 45 -10.78 -3.58 7.55
CA ASP A 45 -9.73 -2.98 8.40
C ASP A 45 -10.28 -2.32 9.63
N ASP A 46 -11.54 -1.87 9.58
CA ASP A 46 -12.11 -1.27 10.78
C ASP A 46 -12.30 -2.22 11.88
N VAL A 47 -12.41 -3.49 11.57
CA VAL A 47 -12.55 -4.43 12.69
C VAL A 47 -11.32 -4.27 13.57
N THR A 48 -10.15 -4.25 12.95
CA THR A 48 -8.89 -4.13 13.69
C THR A 48 -8.75 -2.77 14.39
N TYR A 49 -9.03 -1.66 13.67
CA TYR A 49 -8.99 -0.28 14.20
C TYR A 49 -9.96 -0.22 15.44
N HIS A 50 -11.14 -0.84 15.31
CA HIS A 50 -12.08 -0.78 16.43
C HIS A 50 -11.69 -1.63 17.59
N LEU A 51 -10.97 -2.71 17.32
CA LEU A 51 -10.46 -3.53 18.37
C LEU A 51 -9.42 -2.76 19.15
N VAL A 52 -8.50 -2.11 18.43
CA VAL A 52 -7.44 -1.39 19.05
C VAL A 52 -8.04 -0.20 19.89
N GLY A 53 -8.93 0.59 19.30
CA GLY A 53 -9.60 1.74 19.99
C GLY A 53 -10.35 1.31 21.27
N ALA A 54 -11.08 0.22 21.16
CA ALA A 54 -11.72 -0.39 22.29
C ALA A 54 -10.72 -0.96 23.26
N ALA A 55 -9.62 -1.57 22.84
CA ALA A 55 -8.71 -2.02 23.93
C ALA A 55 -8.07 -0.81 24.66
N SER A 56 -7.90 0.28 23.94
CA SER A 56 -7.30 1.46 24.51
C SER A 56 -8.19 1.99 25.66
N GLU A 57 -9.48 2.08 25.44
CA GLU A 57 -10.47 2.50 26.46
C GLU A 57 -10.51 1.54 27.59
N VAL A 58 -10.76 0.29 27.35
CA VAL A 58 -10.91 -0.66 28.43
C VAL A 58 -9.65 -0.72 29.20
N LEU A 59 -8.47 -0.66 28.60
CA LEU A 59 -7.24 -0.86 29.40
C LEU A 59 -6.61 0.43 29.83
N GLY A 60 -7.15 1.58 29.40
CA GLY A 60 -6.58 2.86 29.84
C GLY A 60 -5.16 3.08 29.30
N LYS A 61 -4.89 2.61 28.05
CA LYS A 61 -3.58 2.81 27.43
C LYS A 61 -3.81 3.45 26.08
N PRO A 62 -2.91 4.35 25.64
CA PRO A 62 -3.03 4.81 24.22
C PRO A 62 -2.95 3.63 23.18
N ALA A 63 -3.77 3.77 22.14
CA ALA A 63 -3.86 2.90 21.06
C ALA A 63 -2.39 2.68 20.60
N GLU A 64 -1.61 3.75 20.50
CA GLU A 64 -0.19 3.66 20.05
C GLU A 64 0.64 2.76 20.86
N GLU A 65 0.43 2.74 22.14
CA GLU A 65 1.20 1.83 22.97
C GLU A 65 0.80 0.40 22.70
N LEU A 66 -0.51 0.14 22.52
CA LEU A 66 -1.03 -1.18 22.25
C LEU A 66 -0.46 -1.62 20.91
N LEU A 67 -0.33 -0.68 19.96
CA LEU A 67 0.24 -1.02 18.69
C LEU A 67 1.72 -1.46 18.82
N ILE A 68 2.53 -0.82 19.67
CA ILE A 68 3.90 -1.21 19.84
C ILE A 68 3.88 -2.62 20.37
N ALA A 69 3.04 -2.84 21.38
CA ALA A 69 3.03 -4.19 21.93
C ALA A 69 2.62 -5.27 20.90
N PHE A 70 1.62 -4.98 20.10
CA PHE A 70 1.20 -5.91 19.05
C PHE A 70 2.40 -6.21 18.13
N GLY A 71 3.13 -5.19 17.75
CA GLY A 71 4.21 -5.37 16.81
C GLY A 71 5.23 -6.29 17.44
N GLU A 72 5.52 -6.14 18.71
CA GLU A 72 6.39 -7.09 19.38
C GLU A 72 5.88 -8.54 19.44
N TYR A 73 4.59 -8.73 19.58
CA TYR A 73 4.05 -10.05 19.75
C TYR A 73 3.89 -10.79 18.39
N TRP A 74 3.85 -10.05 17.26
CA TRP A 74 3.28 -10.51 16.04
C TRP A 74 4.13 -11.55 15.32
N VAL A 75 5.42 -11.35 15.30
CA VAL A 75 6.37 -12.35 14.72
C VAL A 75 6.45 -13.68 15.41
N THR A 76 6.56 -13.65 16.70
CA THR A 76 6.47 -14.85 17.48
C THR A 76 5.11 -15.61 17.32
N TYR A 77 3.99 -14.89 17.39
CA TYR A 77 2.69 -15.45 17.26
C TYR A 77 2.57 -16.14 15.88
N THR A 78 2.92 -15.46 14.80
CA THR A 78 2.81 -16.05 13.41
C THR A 78 3.76 -17.25 13.28
N SER A 79 4.96 -17.22 13.92
CA SER A 79 5.89 -18.30 13.90
C SER A 79 5.33 -19.53 14.56
N GLU A 80 4.32 -19.41 15.43
CA GLU A 80 3.75 -20.53 16.13
C GLU A 80 2.40 -20.94 15.60
N GLU A 81 1.90 -20.24 14.60
CA GLU A 81 0.58 -20.45 14.04
C GLU A 81 0.59 -20.88 12.62
N GLY A 82 1.67 -21.54 12.19
CA GLY A 82 1.73 -21.96 10.88
C GLY A 82 2.70 -21.29 9.93
N TYR A 83 3.49 -20.29 10.39
CA TYR A 83 4.44 -19.55 9.53
C TYR A 83 5.90 -19.63 9.98
N GLY A 84 6.20 -20.57 10.86
CA GLY A 84 7.52 -20.87 11.36
C GLY A 84 8.56 -21.07 10.30
N GLU A 85 8.32 -22.00 9.41
CA GLU A 85 9.25 -22.23 8.30
C GLU A 85 9.41 -21.06 7.37
N LEU A 86 8.32 -20.43 7.06
CA LEU A 86 8.39 -19.36 6.20
C LEU A 86 9.27 -18.18 6.75
N LEU A 87 9.07 -17.81 8.01
CA LEU A 87 9.87 -16.81 8.65
C LEU A 87 11.32 -17.27 8.73
N ALA A 88 11.59 -18.54 9.08
CA ALA A 88 12.95 -19.11 9.04
C ALA A 88 13.58 -18.94 7.69
N SER A 89 12.84 -19.15 6.60
CA SER A 89 13.45 -18.94 5.27
C SER A 89 13.86 -17.49 4.94
N ALA A 90 13.34 -16.53 5.71
CA ALA A 90 13.62 -15.14 5.37
C ALA A 90 14.94 -14.65 6.02
N GLY A 91 15.58 -15.48 6.83
CA GLY A 91 17.01 -15.31 7.15
C GLY A 91 17.45 -15.62 8.54
N ASP A 92 18.73 -15.48 8.72
CA ASP A 92 19.42 -15.85 10.01
C ASP A 92 20.03 -14.68 10.79
N SER A 93 19.75 -13.46 10.34
CA SER A 93 20.17 -12.23 10.99
C SER A 93 19.17 -11.18 10.64
N LEU A 94 19.14 -10.20 11.53
CA LEU A 94 18.27 -9.10 11.38
C LEU A 94 18.42 -8.35 10.09
N PRO A 95 19.60 -7.99 9.71
CA PRO A 95 19.67 -7.24 8.41
C PRO A 95 19.29 -8.13 7.20
N GLU A 96 19.54 -9.45 7.27
CA GLU A 96 19.17 -10.35 6.14
C GLU A 96 17.67 -10.43 6.12
N PHE A 97 17.05 -10.58 7.28
CA PHE A 97 15.59 -10.55 7.33
C PHE A 97 14.93 -9.29 6.73
N MET A 98 15.42 -8.12 7.12
CA MET A 98 15.03 -6.82 6.46
C MET A 98 15.13 -6.77 4.92
N GLU A 99 16.23 -7.26 4.41
CA GLU A 99 16.40 -7.31 2.99
C GLU A 99 15.52 -8.28 2.34
N ASN A 100 15.03 -9.34 3.00
CA ASN A 100 14.20 -10.33 2.37
C ASN A 100 12.70 -9.97 2.44
N LEU A 101 12.38 -8.87 3.06
CA LEU A 101 10.99 -8.53 3.30
C LEU A 101 10.10 -8.59 2.08
N ASP A 102 10.55 -7.97 1.05
CA ASP A 102 9.75 -7.96 -0.17
C ASP A 102 9.53 -9.35 -0.75
N ASN A 103 10.56 -10.16 -0.70
CA ASN A 103 10.40 -11.54 -1.21
C ASN A 103 9.66 -12.40 -0.28
N LEU A 104 9.72 -12.10 0.99
CA LEU A 104 8.82 -12.79 1.91
C LEU A 104 7.37 -12.46 1.60
N HIS A 105 7.10 -11.16 1.38
CA HIS A 105 5.64 -10.75 1.06
C HIS A 105 5.16 -11.31 -0.23
N ALA A 106 6.05 -11.51 -1.20
CA ALA A 106 5.69 -12.16 -2.44
C ALA A 106 5.28 -13.55 -2.12
N ARG A 107 6.00 -14.22 -1.22
CA ARG A 107 5.61 -15.62 -0.97
C ARG A 107 4.27 -15.66 -0.22
N VAL A 108 4.12 -14.82 0.81
CA VAL A 108 2.87 -14.76 1.57
C VAL A 108 1.66 -14.50 0.64
N GLY A 109 1.85 -13.63 -0.34
CA GLY A 109 0.84 -13.27 -1.24
C GLY A 109 0.42 -14.41 -2.16
N LEU A 110 1.24 -15.45 -2.33
CA LEU A 110 0.71 -16.72 -2.92
C LEU A 110 -0.52 -17.27 -2.21
N SER A 111 -0.48 -17.42 -0.89
CA SER A 111 -1.51 -17.98 -0.10
C SER A 111 -2.67 -17.00 0.23
N PHE A 112 -2.34 -15.71 0.36
CA PHE A 112 -3.28 -14.61 0.64
C PHE A 112 -3.43 -13.73 -0.56
N PRO A 113 -4.38 -14.00 -1.41
CA PRO A 113 -4.48 -13.31 -2.70
C PRO A 113 -4.74 -11.84 -2.64
N GLN A 114 -5.39 -11.39 -1.60
CA GLN A 114 -5.64 -9.98 -1.48
C GLN A 114 -4.77 -9.29 -0.45
N LEU A 115 -3.60 -9.86 -0.15
CA LEU A 115 -2.63 -9.18 0.70
C LEU A 115 -2.34 -7.75 0.17
N ARG A 116 -2.26 -6.77 1.03
CA ARG A 116 -1.77 -5.42 0.67
CA ARG A 116 -1.71 -5.47 0.65
C ARG A 116 -0.52 -5.25 1.51
N PRO A 117 0.59 -5.86 1.10
CA PRO A 117 1.79 -5.66 1.89
C PRO A 117 2.33 -4.22 1.93
N PRO A 118 2.93 -3.89 3.03
CA PRO A 118 3.54 -2.54 3.06
C PRO A 118 4.79 -2.55 2.18
N ALA A 119 5.23 -1.40 1.72
CA ALA A 119 6.57 -1.26 1.09
C ALA A 119 7.63 -0.98 2.15
N PHE A 120 8.68 -1.78 2.17
CA PHE A 120 9.84 -1.61 3.06
C PHE A 120 11.07 -1.43 2.17
N GLU A 121 11.80 -0.33 2.34
CA GLU A 121 13.12 -0.16 1.69
C GLU A 121 14.10 0.10 2.75
N CYS A 122 15.17 -0.66 2.75
CA CYS A 122 16.19 -0.71 3.78
C CYS A 122 17.49 -0.13 3.16
N GLN A 123 18.11 0.83 3.79
CA GLN A 123 19.51 1.22 3.41
C GLN A 123 20.47 0.79 4.48
N HIS A 124 21.51 0.02 4.14
CA HIS A 124 22.55 -0.37 5.08
C HIS A 124 23.49 0.89 5.16
N THR A 125 23.39 1.65 6.26
CA THR A 125 24.00 3.02 6.33
C THR A 125 25.46 3.03 6.93
N SER A 126 25.61 2.55 8.15
CA SER A 126 26.91 2.24 8.72
C SER A 126 26.84 0.71 8.93
N SER A 127 27.66 0.18 9.81
CA SER A 127 27.81 -1.26 9.91
C SER A 127 26.81 -1.80 10.95
N LYS A 128 26.62 -1.04 12.02
CA LYS A 128 25.67 -1.33 13.08
C LYS A 128 24.41 -0.43 12.92
N SER A 129 24.15 0.11 11.74
CA SER A 129 23.01 0.98 11.51
C SER A 129 22.28 0.64 10.16
N MET A 130 20.97 0.90 10.11
CA MET A 130 20.17 0.86 8.89
C MET A 130 19.16 2.03 8.91
N GLU A 131 18.72 2.39 7.74
CA GLU A 131 17.58 3.26 7.54
C GLU A 131 16.47 2.49 6.79
N LEU A 132 15.27 2.52 7.37
CA LEU A 132 14.09 1.78 6.92
C LEU A 132 13.01 2.78 6.55
N HIS A 133 12.64 2.76 5.28
CA HIS A 133 11.53 3.46 4.69
C HIS A 133 10.33 2.53 4.69
N TYR A 134 9.22 3.06 5.19
CA TYR A 134 7.99 2.29 5.40
C TYR A 134 6.81 3.08 4.80
N GLN A 135 6.07 2.41 3.94
CA GLN A 135 4.93 2.94 3.17
C GLN A 135 3.85 1.84 3.19
N SER A 136 2.62 2.22 3.50
CA SER A 136 1.52 1.32 3.76
C SER A 136 0.29 1.85 3.09
N THR A 137 -0.62 0.98 2.75
CA THR A 137 -1.94 1.39 2.38
C THR A 137 -2.73 1.75 3.58
N ARG A 138 -2.22 1.51 4.78
CA ARG A 138 -2.97 1.84 6.01
C ARG A 138 -2.30 2.91 6.79
N ALA A 139 -3.11 3.73 7.40
CA ALA A 139 -2.60 4.89 8.20
C ALA A 139 -2.42 4.48 9.68
N GLY A 140 -1.52 5.14 10.40
CA GLY A 140 -1.46 4.92 11.84
C GLY A 140 -0.70 3.78 12.41
N LEU A 141 -0.01 3.01 11.57
CA LEU A 141 0.59 1.78 12.07
C LEU A 141 2.08 1.80 12.26
N ALA A 142 2.67 2.95 11.96
CA ALA A 142 4.12 3.17 12.36
C ALA A 142 4.48 2.65 13.76
N PRO A 143 3.66 2.88 14.83
CA PRO A 143 4.15 2.30 16.13
C PRO A 143 4.29 0.79 16.17
N MET A 144 3.51 0.16 15.32
CA MET A 144 3.60 -1.27 15.17
C MET A 144 4.91 -1.73 14.56
N VAL A 145 5.43 -0.97 13.62
CA VAL A 145 6.72 -1.28 12.98
C VAL A 145 7.80 -1.19 14.01
N LEU A 146 7.68 -0.21 14.90
CA LEU A 146 8.60 -0.03 15.98
CA LEU A 146 8.65 -0.03 16.00
C LEU A 146 8.69 -1.30 16.83
N GLY A 147 7.53 -1.77 17.22
CA GLY A 147 7.47 -3.01 18.03
C GLY A 147 7.92 -4.21 17.27
N LEU A 148 7.54 -4.25 16.03
CA LEU A 148 8.03 -5.36 15.18
C LEU A 148 9.55 -5.48 15.09
N LEU A 149 10.19 -4.34 14.89
CA LEU A 149 11.64 -4.26 14.90
C LEU A 149 12.25 -4.74 16.15
N HIS A 150 11.62 -4.44 17.27
CA HIS A 150 12.06 -4.94 18.59
C HIS A 150 11.89 -6.41 18.66
N GLY A 151 10.78 -6.90 18.09
CA GLY A 151 10.52 -8.36 17.99
C GLY A 151 11.56 -9.13 17.16
N LEU A 152 11.97 -8.54 16.02
CA LEU A 152 13.01 -9.06 15.18
C LEU A 152 14.38 -9.09 15.90
N GLY A 153 14.72 -8.02 16.62
CA GLY A 153 15.85 -7.90 17.54
C GLY A 153 15.93 -9.10 18.45
N LYS A 154 14.83 -9.39 19.12
CA LYS A 154 14.73 -10.59 20.01
C LYS A 154 14.88 -11.90 19.27
N ARG A 155 14.20 -12.05 18.12
CA ARG A 155 14.31 -13.23 17.29
C ARG A 155 15.75 -13.60 16.95
N PHE A 156 16.53 -12.60 16.63
CA PHE A 156 17.89 -12.83 16.18
C PHE A 156 18.91 -12.50 17.27
N GLN A 157 18.44 -12.37 18.52
CA GLN A 157 19.29 -12.07 19.68
C GLN A 157 20.24 -10.93 19.40
N THR A 158 19.72 -9.86 18.90
CA THR A 158 20.46 -8.74 18.44
C THR A 158 19.81 -7.48 19.13
N LYS A 159 20.66 -6.62 19.68
CA LYS A 159 20.20 -5.48 20.44
C LYS A 159 19.85 -4.42 19.42
N VAL A 160 18.75 -3.76 19.63
CA VAL A 160 18.24 -2.96 18.57
C VAL A 160 17.86 -1.63 19.17
N GLU A 161 18.21 -0.52 18.54
CA GLU A 161 17.60 0.74 18.94
C GLU A 161 17.01 1.44 17.78
N VAL A 162 15.77 1.82 17.91
CA VAL A 162 14.97 2.32 16.79
C VAL A 162 14.41 3.69 17.12
N THR A 163 14.53 4.56 16.16
CA THR A 163 14.05 5.96 16.27
C THR A 163 13.41 6.36 14.97
N GLN A 164 12.14 6.77 15.03
CA GLN A 164 11.49 7.34 13.90
C GLN A 164 12.00 8.78 13.60
N THR A 165 12.59 8.98 12.41
CA THR A 165 13.15 10.21 11.93
C THR A 165 12.26 10.98 11.03
N ALA A 166 11.21 10.36 10.47
CA ALA A 166 10.23 11.09 9.62
C ALA A 166 8.90 10.44 9.75
N PHE A 167 7.84 11.25 9.78
CA PHE A 167 6.50 10.84 10.09
C PHE A 167 5.60 11.27 9.00
N ARG A 168 4.74 10.34 8.54
CA ARG A 168 3.66 10.67 7.61
C ARG A 168 2.72 11.63 8.21
N GLU A 169 2.53 11.49 9.51
CA GLU A 169 1.68 12.42 10.30
C GLU A 169 2.08 13.86 10.09
N THR A 170 3.36 14.25 10.03
CA THR A 170 3.73 15.62 9.77
C THR A 170 3.58 16.03 8.29
N GLY A 171 3.22 15.09 7.39
CA GLY A 171 3.08 15.37 5.97
C GLY A 171 4.29 14.96 5.15
N GLU A 172 5.25 14.21 5.73
CA GLU A 172 6.32 13.58 4.97
C GLU A 172 5.76 12.49 4.07
N ASP A 173 6.46 12.22 2.98
CA ASP A 173 5.93 11.21 2.08
CA ASP A 173 6.10 11.21 2.03
C ASP A 173 5.81 9.85 2.71
N HIS A 174 6.80 9.44 3.54
CA HIS A 174 6.68 8.21 4.30
C HIS A 174 7.46 8.21 5.58
N ASP A 175 7.08 7.27 6.44
CA ASP A 175 7.72 7.00 7.65
C ASP A 175 9.13 6.48 7.40
N ILE A 176 10.08 7.09 8.10
CA ILE A 176 11.46 6.61 8.08
C ILE A 176 11.91 6.32 9.48
N PHE A 177 12.61 5.21 9.64
CA PHE A 177 13.16 4.75 10.93
C PHE A 177 14.69 4.61 10.80
N SER A 178 15.37 5.21 11.73
CA SER A 178 16.80 4.88 11.91
C SER A 178 16.91 3.77 12.91
N ILE A 179 17.63 2.72 12.53
CA ILE A 179 17.81 1.54 13.32
C ILE A 179 19.31 1.31 13.63
N LYS A 180 19.68 1.26 14.92
CA LYS A 180 21.07 0.93 15.37
C LYS A 180 21.05 -0.45 16.03
N TYR A 181 22.04 -1.32 15.74
CA TYR A 181 22.00 -2.79 16.19
C TYR A 181 23.32 -3.48 16.66
N GLU A 182 23.23 -4.53 17.52
CA GLU A 182 24.32 -5.63 17.82
C GLU A 182 24.67 -6.62 16.65
N MET B 1 8.32 1.49 -9.29
CA MET B 1 7.17 1.03 -10.07
C MET B 1 7.76 0.14 -11.12
N TYR B 2 6.95 -0.73 -11.61
CA TYR B 2 7.35 -1.52 -12.79
C TYR B 2 7.53 -0.67 -14.05
N GLY B 3 8.45 -1.10 -14.90
CA GLY B 3 8.86 -0.30 -16.12
C GLY B 3 7.69 0.08 -17.03
N LEU B 4 6.63 -0.71 -16.96
CA LEU B 4 5.40 -0.47 -17.74
C LEU B 4 4.87 0.91 -17.52
N VAL B 5 4.84 1.37 -16.25
CA VAL B 5 4.46 2.67 -15.91
C VAL B 5 5.33 3.72 -16.63
N ASN B 6 6.63 3.54 -16.61
CA ASN B 6 7.51 4.55 -17.24
C ASN B 6 7.43 4.54 -18.73
N LYS B 7 7.29 3.32 -19.30
CA LYS B 7 6.98 3.22 -20.70
C LYS B 7 5.69 3.99 -21.02
N ALA B 8 4.68 3.88 -20.16
CA ALA B 8 3.39 4.50 -20.51
C ALA B 8 3.61 6.01 -20.50
N ILE B 9 4.47 6.52 -19.60
CA ILE B 9 4.68 7.95 -19.50
C ILE B 9 5.44 8.47 -20.75
N GLN B 10 6.51 7.80 -21.05
CA GLN B 10 7.26 8.04 -22.29
C GLN B 10 6.39 8.00 -23.53
N ASP B 11 5.54 6.97 -23.62
CA ASP B 11 4.70 6.89 -24.79
C ASP B 11 3.66 8.08 -24.89
N MET B 12 3.09 8.45 -23.78
CA MET B 12 2.14 9.53 -23.71
C MET B 12 2.80 10.87 -24.20
N ILE B 13 3.99 11.18 -23.71
CA ILE B 13 4.74 12.33 -23.99
C ILE B 13 5.20 12.33 -25.47
N SER B 14 5.82 11.24 -25.91
CA SER B 14 6.18 11.02 -27.31
C SER B 14 4.99 11.10 -28.29
N LYS B 15 3.78 10.64 -27.98
CA LYS B 15 2.65 10.90 -28.92
C LYS B 15 2.17 12.35 -28.87
N HIS B 16 1.90 12.86 -27.69
CA HIS B 16 1.26 14.15 -27.57
C HIS B 16 2.26 15.28 -28.02
N HIS B 17 3.60 15.11 -27.89
CA HIS B 17 4.61 16.23 -27.95
C HIS B 17 5.90 15.84 -28.68
N GLY B 18 6.08 14.60 -29.20
CA GLY B 18 7.26 14.32 -30.05
C GLY B 18 8.65 14.14 -29.43
N GLU B 19 9.61 13.71 -30.28
CA GLU B 19 10.84 13.01 -29.88
C GLU B 19 11.78 13.81 -29.05
N ASP B 20 12.21 14.93 -29.60
CA ASP B 20 13.26 15.83 -29.06
C ASP B 20 12.89 16.31 -27.63
N THR B 21 11.61 16.67 -27.44
CA THR B 21 11.05 17.01 -26.12
C THR B 21 11.27 15.87 -25.08
N TRP B 22 10.84 14.65 -25.48
CA TRP B 22 11.04 13.45 -24.66
C TRP B 22 12.49 13.36 -24.13
N GLU B 23 13.47 13.66 -24.99
CA GLU B 23 14.88 13.46 -24.63
C GLU B 23 15.32 14.50 -23.60
N ALA B 24 14.72 15.66 -23.69
CA ALA B 24 15.07 16.72 -22.74
C ALA B 24 14.41 16.36 -21.39
N ILE B 25 13.20 15.78 -21.44
CA ILE B 25 12.54 15.42 -20.18
C ILE B 25 13.42 14.39 -19.49
N LYS B 26 13.85 13.47 -20.32
CA LYS B 26 14.69 12.39 -19.88
C LYS B 26 15.98 12.89 -19.33
N GLN B 27 16.60 13.92 -19.98
CA GLN B 27 17.87 14.51 -19.45
C GLN B 27 17.65 15.12 -18.09
N LYS B 28 16.59 15.94 -17.96
CA LYS B 28 16.35 16.71 -16.73
C LYS B 28 16.03 15.84 -15.49
N ALA B 29 15.35 14.69 -15.75
CA ALA B 29 14.94 13.72 -14.73
C ALA B 29 16.11 12.95 -14.21
N GLY B 30 17.23 13.06 -14.95
CA GLY B 30 18.48 12.39 -14.61
C GLY B 30 18.53 10.94 -15.17
N LEU B 31 17.98 10.68 -16.35
CA LEU B 31 17.84 9.30 -16.88
C LEU B 31 18.35 9.17 -18.34
N GLU B 32 19.29 10.05 -18.80
CA GLU B 32 19.88 9.92 -20.18
C GLU B 32 20.68 8.62 -20.32
N ASP B 33 21.10 8.02 -19.19
CA ASP B 33 21.65 6.65 -19.13
C ASP B 33 20.70 5.53 -19.69
N ILE B 34 19.40 5.67 -19.54
CA ILE B 34 18.46 4.60 -19.83
C ILE B 34 18.04 4.68 -21.31
N ASP B 35 18.33 3.63 -22.11
CA ASP B 35 17.89 3.67 -23.49
C ASP B 35 16.43 3.42 -23.62
N PHE B 36 15.97 2.58 -22.70
CA PHE B 36 14.63 2.13 -22.72
C PHE B 36 14.31 1.56 -21.30
N PHE B 37 13.05 1.69 -20.95
CA PHE B 37 12.48 1.05 -19.79
C PHE B 37 12.06 -0.39 -20.18
N VAL B 38 12.22 -1.30 -19.22
CA VAL B 38 11.88 -2.72 -19.32
C VAL B 38 10.61 -2.99 -18.57
N GLY B 39 9.60 -3.36 -19.33
CA GLY B 39 8.27 -3.32 -18.82
C GLY B 39 8.02 -4.15 -17.55
N MET B 40 8.65 -5.31 -17.43
CA MET B 40 8.39 -6.23 -16.29
C MET B 40 9.48 -6.08 -15.22
N GLU B 41 10.39 -5.12 -15.40
CA GLU B 41 11.43 -4.87 -14.44
C GLU B 41 11.01 -3.84 -13.41
N ALA B 42 11.55 -4.02 -12.20
CA ALA B 42 11.24 -3.15 -11.08
C ALA B 42 12.15 -1.97 -11.07
N TYR B 43 11.62 -0.79 -10.88
CA TYR B 43 12.44 0.41 -10.80
C TYR B 43 12.08 1.07 -9.46
N SER B 44 12.97 1.88 -8.94
CA SER B 44 12.72 2.71 -7.81
C SER B 44 11.60 3.68 -8.18
N ASP B 45 10.72 3.97 -7.23
CA ASP B 45 9.71 4.94 -7.47
C ASP B 45 10.23 6.29 -8.01
N ASP B 46 11.42 6.69 -7.61
CA ASP B 46 11.98 7.99 -7.96
C ASP B 46 12.14 8.22 -9.43
N VAL B 47 12.41 7.14 -10.15
CA VAL B 47 12.48 7.21 -11.60
C VAL B 47 11.16 7.86 -12.09
N THR B 48 10.03 7.45 -11.48
CA THR B 48 8.73 7.83 -12.02
C THR B 48 8.48 9.28 -11.62
N TYR B 49 8.69 9.55 -10.35
CA TYR B 49 8.59 10.92 -9.83
C TYR B 49 9.52 11.93 -10.52
N HIS B 50 10.79 11.57 -10.83
CA HIS B 50 11.66 12.45 -11.54
C HIS B 50 11.20 12.61 -12.94
N LEU B 51 10.62 11.56 -13.54
CA LEU B 51 10.11 11.77 -14.86
C LEU B 51 9.03 12.73 -14.82
N VAL B 52 8.14 12.61 -13.85
CA VAL B 52 6.96 13.52 -13.82
C VAL B 52 7.38 15.01 -13.55
N GLY B 53 8.25 15.20 -12.55
CA GLY B 53 8.93 16.52 -12.26
C GLY B 53 9.61 17.15 -13.51
N ALA B 54 10.50 16.39 -14.16
CA ALA B 54 11.12 16.82 -15.38
C ALA B 54 10.13 17.24 -16.42
N ALA B 55 9.07 16.46 -16.61
CA ALA B 55 8.04 16.80 -17.63
C ALA B 55 7.28 18.05 -17.28
N SER B 56 7.08 18.27 -15.97
CA SER B 56 6.38 19.47 -15.52
C SER B 56 7.14 20.75 -16.00
N GLU B 57 8.46 20.80 -15.75
CA GLU B 57 9.34 21.92 -16.11
C GLU B 57 9.31 22.11 -17.61
N VAL B 58 9.73 21.08 -18.34
CA VAL B 58 9.88 21.12 -19.77
C VAL B 58 8.59 21.45 -20.48
N LEU B 59 7.44 20.88 -20.11
CA LEU B 59 6.18 21.30 -20.80
C LEU B 59 5.47 22.52 -20.20
N GLY B 60 5.95 22.94 -19.03
CA GLY B 60 5.29 24.02 -18.30
C GLY B 60 3.87 23.69 -17.97
N LYS B 61 3.65 22.44 -17.51
CA LYS B 61 2.35 21.99 -17.02
C LYS B 61 2.56 21.58 -15.57
N PRO B 62 1.61 21.91 -14.69
CA PRO B 62 1.71 21.31 -13.34
C PRO B 62 1.76 19.77 -13.38
N ALA B 63 2.52 19.24 -12.45
CA ALA B 63 2.70 17.82 -12.21
C ALA B 63 1.37 17.08 -12.10
N GLU B 64 0.46 17.61 -11.29
CA GLU B 64 -0.91 17.16 -11.13
C GLU B 64 -1.56 16.95 -12.46
N GLU B 65 -1.32 17.86 -13.37
CA GLU B 65 -1.98 17.73 -14.64
C GLU B 65 -1.40 16.60 -15.50
N LEU B 66 -0.12 16.35 -15.33
CA LEU B 66 0.51 15.27 -15.98
C LEU B 66 0.04 13.91 -15.36
N LEU B 67 -0.14 13.89 -14.05
CA LEU B 67 -0.62 12.71 -13.39
C LEU B 67 -2.06 12.38 -13.83
N ILE B 68 -2.90 13.37 -14.01
CA ILE B 68 -4.24 13.15 -14.51
C ILE B 68 -4.20 12.56 -15.96
N ALA B 69 -3.40 13.14 -16.83
CA ALA B 69 -3.34 12.72 -18.19
C ALA B 69 -2.81 11.26 -18.25
N PHE B 70 -1.78 10.94 -17.47
CA PHE B 70 -1.30 9.62 -17.27
C PHE B 70 -2.41 8.64 -16.87
N GLY B 71 -3.16 8.99 -15.84
CA GLY B 71 -4.31 8.25 -15.38
C GLY B 71 -5.35 7.95 -16.48
N GLU B 72 -5.62 8.93 -17.27
CA GLU B 72 -6.45 8.72 -18.49
C GLU B 72 -5.92 7.84 -19.64
N TYR B 73 -4.62 7.86 -19.79
CA TYR B 73 -3.93 7.12 -20.83
C TYR B 73 -3.67 5.62 -20.40
N TRP B 74 -3.48 5.39 -19.08
CA TRP B 74 -3.01 4.13 -18.51
C TRP B 74 -3.78 2.90 -18.86
N VAL B 75 -5.10 2.92 -18.73
CA VAL B 75 -5.85 1.71 -18.95
C VAL B 75 -5.79 1.26 -20.39
N THR B 76 -5.99 2.20 -21.29
CA THR B 76 -5.95 1.93 -22.73
C THR B 76 -4.55 1.50 -23.09
N TYR B 77 -3.54 2.21 -22.57
CA TYR B 77 -2.25 1.81 -22.86
C TYR B 77 -1.98 0.32 -22.49
N THR B 78 -2.28 -0.06 -21.27
CA THR B 78 -2.02 -1.41 -20.82
C THR B 78 -2.89 -2.40 -21.65
N SER B 79 -4.12 -2.05 -22.00
CA SER B 79 -4.90 -2.96 -22.85
C SER B 79 -4.20 -3.28 -24.19
N GLU B 80 -3.24 -2.44 -24.64
CA GLU B 80 -2.61 -2.58 -25.96
C GLU B 80 -1.21 -3.13 -25.85
N GLU B 81 -0.76 -3.34 -24.64
CA GLU B 81 0.54 -3.78 -24.38
C GLU B 81 0.56 -5.11 -23.69
N GLY B 82 -0.46 -5.96 -23.89
CA GLY B 82 -0.47 -7.23 -23.28
C GLY B 82 -1.47 -7.52 -22.23
N TYR B 83 -2.34 -6.56 -21.85
CA TYR B 83 -3.28 -6.82 -20.78
C TYR B 83 -4.70 -6.64 -21.14
N GLY B 84 -4.96 -6.65 -22.43
CA GLY B 84 -6.29 -6.53 -22.98
C GLY B 84 -7.33 -7.51 -22.43
N GLU B 85 -7.03 -8.80 -22.52
CA GLU B 85 -7.92 -9.84 -22.00
C GLU B 85 -8.04 -9.79 -20.55
N LEU B 86 -6.93 -9.56 -19.85
CA LEU B 86 -7.05 -9.38 -18.38
C LEU B 86 -8.02 -8.29 -18.00
N LEU B 87 -7.84 -7.10 -18.60
CA LEU B 87 -8.77 -6.02 -18.35
C LEU B 87 -10.21 -6.35 -18.73
N ALA B 88 -10.39 -7.00 -19.88
CA ALA B 88 -11.76 -7.35 -20.32
C ALA B 88 -12.39 -8.31 -19.26
N SER B 89 -11.63 -9.17 -18.64
CA SER B 89 -12.20 -10.15 -17.68
C SER B 89 -12.74 -9.44 -16.45
N ALA B 90 -12.29 -8.22 -16.24
CA ALA B 90 -12.72 -7.49 -15.07
C ALA B 90 -14.03 -6.72 -15.29
N GLY B 91 -14.66 -6.86 -16.45
CA GLY B 91 -16.05 -6.43 -16.59
C GLY B 91 -16.47 -5.71 -17.82
N ASP B 92 -17.78 -5.50 -17.81
CA ASP B 92 -18.52 -4.90 -18.98
C ASP B 92 -19.21 -3.62 -18.57
N SER B 93 -18.97 -3.10 -17.39
CA SER B 93 -19.54 -1.78 -16.99
C SER B 93 -18.60 -1.27 -15.93
N LEU B 94 -18.63 0.03 -15.75
CA LEU B 94 -17.84 0.72 -14.79
C LEU B 94 -18.01 0.22 -13.34
N PRO B 95 -19.25 0.11 -12.79
CA PRO B 95 -19.32 -0.36 -11.42
C PRO B 95 -18.87 -1.80 -11.31
N GLU B 96 -19.09 -2.65 -12.36
CA GLU B 96 -18.55 -4.00 -12.27
C GLU B 96 -16.98 -4.02 -12.16
N PHE B 97 -16.32 -3.24 -13.00
CA PHE B 97 -14.91 -3.03 -12.99
C PHE B 97 -14.41 -2.59 -11.66
N MET B 98 -15.13 -1.62 -11.05
CA MET B 98 -14.71 -1.11 -9.74
C MET B 98 -14.79 -2.21 -8.68
N GLU B 99 -15.87 -2.97 -8.69
CA GLU B 99 -15.92 -4.09 -7.78
C GLU B 99 -14.90 -5.16 -8.01
N ASN B 100 -14.36 -5.33 -9.22
CA ASN B 100 -13.38 -6.39 -9.45
C ASN B 100 -11.95 -5.93 -9.22
N LEU B 101 -11.67 -4.66 -8.87
CA LEU B 101 -10.28 -4.25 -8.69
C LEU B 101 -9.38 -5.13 -7.78
N ASP B 102 -9.86 -5.47 -6.62
CA ASP B 102 -9.12 -6.42 -5.78
C ASP B 102 -8.80 -7.69 -6.46
N ASN B 103 -9.76 -8.30 -7.14
CA ASN B 103 -9.54 -9.57 -7.80
C ASN B 103 -8.70 -9.42 -9.04
N LEU B 104 -8.77 -8.26 -9.64
CA LEU B 104 -7.90 -7.98 -10.78
C LEU B 104 -6.46 -7.91 -10.32
N HIS B 105 -6.24 -7.26 -9.18
CA HIS B 105 -4.89 -7.09 -8.68
C HIS B 105 -4.34 -8.31 -8.16
N ALA B 106 -5.14 -9.14 -7.56
CA ALA B 106 -4.66 -10.46 -7.18
C ALA B 106 -4.11 -11.21 -8.38
N ARG B 107 -4.83 -11.15 -9.51
CA ARG B 107 -4.35 -11.78 -10.74
C ARG B 107 -3.06 -11.14 -11.31
N VAL B 108 -2.98 -9.83 -11.38
CA VAL B 108 -1.75 -9.16 -11.90
C VAL B 108 -0.60 -9.54 -10.99
N GLY B 109 -0.88 -9.71 -9.68
CA GLY B 109 0.17 -10.08 -8.70
C GLY B 109 0.87 -11.40 -8.92
N LEU B 110 0.25 -12.32 -9.68
CA LEU B 110 0.80 -13.62 -10.01
C LEU B 110 2.03 -13.47 -10.91
N SER B 111 1.91 -12.58 -11.91
CA SER B 111 2.93 -12.21 -12.83
C SER B 111 3.98 -11.16 -12.27
N PHE B 112 3.58 -10.28 -11.34
CA PHE B 112 4.44 -9.20 -10.88
C PHE B 112 4.56 -9.46 -9.35
N PRO B 113 5.45 -10.31 -8.98
CA PRO B 113 5.55 -10.75 -7.57
C PRO B 113 5.77 -9.69 -6.51
N GLN B 114 6.36 -8.58 -6.90
CA GLN B 114 6.57 -7.43 -5.96
C GLN B 114 5.54 -6.32 -6.13
N LEU B 115 4.34 -6.67 -6.67
CA LEU B 115 3.37 -5.68 -6.88
C LEU B 115 2.94 -5.12 -5.50
N ARG B 116 2.66 -3.85 -5.48
CA ARG B 116 2.12 -3.18 -4.29
C ARG B 116 0.88 -2.49 -4.69
N PRO B 117 -0.20 -3.27 -4.89
CA PRO B 117 -1.38 -2.59 -5.38
C PRO B 117 -1.95 -1.69 -4.30
N PRO B 118 -2.60 -0.62 -4.71
CA PRO B 118 -3.33 0.31 -3.84
C PRO B 118 -4.64 -0.37 -3.35
N ALA B 119 -5.21 0.12 -2.24
CA ALA B 119 -6.51 -0.32 -1.73
C ALA B 119 -7.51 0.63 -2.28
N PHE B 120 -8.53 0.07 -2.89
CA PHE B 120 -9.68 0.79 -3.42
C PHE B 120 -10.88 0.09 -2.76
N GLU B 121 -11.72 0.79 -2.02
CA GLU B 121 -13.08 0.27 -1.66
C GLU B 121 -14.15 1.21 -2.26
N CYS B 122 -15.17 0.66 -2.94
CA CYS B 122 -16.34 1.36 -3.63
C CYS B 122 -17.52 1.15 -2.65
N GLN B 123 -18.28 2.20 -2.36
CA GLN B 123 -19.69 2.11 -1.83
C GLN B 123 -20.63 2.56 -2.95
N HIS B 124 -21.66 1.79 -3.22
CA HIS B 124 -22.67 2.19 -4.22
C HIS B 124 -23.57 3.12 -3.42
N THR B 125 -23.79 4.37 -3.86
CA THR B 125 -24.62 5.32 -3.13
C THR B 125 -26.03 5.46 -3.87
N SER B 126 -26.20 4.85 -5.04
CA SER B 126 -27.43 4.80 -5.85
C SER B 126 -26.95 4.06 -7.07
N SER B 127 -27.81 3.74 -8.05
CA SER B 127 -27.35 2.96 -9.25
C SER B 127 -26.58 3.85 -10.20
N LYS B 128 -26.60 5.16 -10.02
CA LYS B 128 -25.82 6.07 -10.88
C LYS B 128 -24.61 6.74 -10.12
N SER B 129 -24.23 6.25 -8.93
CA SER B 129 -23.28 6.99 -8.12
C SER B 129 -22.47 6.16 -7.16
N MET B 130 -21.28 6.64 -6.80
CA MET B 130 -20.54 5.96 -5.79
C MET B 130 -19.47 6.78 -5.12
N GLU B 131 -18.99 6.24 -4.02
CA GLU B 131 -17.95 6.80 -3.25
C GLU B 131 -16.82 5.81 -3.26
N LEU B 132 -15.61 6.26 -3.64
CA LEU B 132 -14.41 5.47 -3.78
C LEU B 132 -13.40 5.90 -2.77
N HIS B 133 -12.95 4.92 -2.01
CA HIS B 133 -11.82 5.13 -1.05
C HIS B 133 -10.53 4.64 -1.68
N TYR B 134 -9.46 5.44 -1.60
CA TYR B 134 -8.19 5.15 -2.24
C TYR B 134 -7.11 5.30 -1.19
N GLN B 135 -6.25 4.29 -1.09
CA GLN B 135 -5.11 4.26 -0.15
C GLN B 135 -3.93 3.57 -0.95
N SER B 136 -2.80 4.19 -1.06
CA SER B 136 -1.68 3.66 -1.86
C SER B 136 -0.47 3.62 -0.96
N THR B 137 0.53 2.82 -1.25
CA THR B 137 1.79 2.86 -0.60
C THR B 137 2.60 4.00 -1.13
N ARG B 138 2.14 4.71 -2.17
CA ARG B 138 2.84 5.83 -2.71
C ARG B 138 2.05 7.08 -2.46
N ALA B 139 2.73 8.15 -2.07
CA ALA B 139 2.11 9.49 -1.87
C ALA B 139 1.91 10.29 -3.19
N GLY B 140 0.95 11.21 -3.22
CA GLY B 140 0.87 12.23 -4.33
C GLY B 140 0.17 11.77 -5.61
N LEU B 141 -0.48 10.58 -5.63
CA LEU B 141 -1.07 10.06 -6.92
C LEU B 141 -2.58 10.19 -7.05
N ALA B 142 -3.23 10.75 -6.04
CA ALA B 142 -4.69 11.07 -6.10
C ALA B 142 -5.12 11.64 -7.43
N PRO B 143 -4.33 12.52 -8.01
CA PRO B 143 -4.81 13.04 -9.32
C PRO B 143 -4.89 12.06 -10.49
N MET B 144 -4.04 11.06 -10.42
CA MET B 144 -4.03 9.98 -11.37
C MET B 144 -5.33 9.22 -11.27
N VAL B 145 -5.86 9.09 -10.06
CA VAL B 145 -7.16 8.46 -9.84
C VAL B 145 -8.30 9.11 -10.64
N LEU B 146 -8.25 10.42 -10.69
CA LEU B 146 -9.28 11.11 -11.42
C LEU B 146 -9.19 10.79 -12.82
N GLY B 147 -7.96 10.86 -13.33
CA GLY B 147 -7.69 10.54 -14.71
C GLY B 147 -8.09 9.10 -15.06
N LEU B 148 -7.86 8.20 -14.13
CA LEU B 148 -8.22 6.75 -14.28
C LEU B 148 -9.71 6.55 -14.41
N LEU B 149 -10.42 7.25 -13.55
CA LEU B 149 -11.86 7.20 -13.52
C LEU B 149 -12.48 7.75 -14.76
N HIS B 150 -11.84 8.73 -15.38
CA HIS B 150 -12.34 9.22 -16.68
C HIS B 150 -12.01 8.24 -17.79
N GLY B 151 -10.85 7.58 -17.73
CA GLY B 151 -10.42 6.62 -18.77
C GLY B 151 -11.35 5.39 -18.70
N LEU B 152 -11.76 5.01 -17.48
CA LEU B 152 -12.72 3.97 -17.29
C LEU B 152 -14.11 4.32 -17.83
N GLY B 153 -14.53 5.57 -17.65
CA GLY B 153 -15.75 5.99 -18.24
C GLY B 153 -15.76 5.84 -19.74
N LYS B 154 -14.64 6.22 -20.33
CA LYS B 154 -14.48 6.14 -21.73
C LYS B 154 -14.44 4.63 -22.12
N ARG B 155 -13.64 3.78 -21.41
CA ARG B 155 -13.61 2.33 -21.72
C ARG B 155 -15.06 1.83 -21.83
N PHE B 156 -15.94 2.32 -20.97
CA PHE B 156 -17.30 1.72 -20.88
C PHE B 156 -18.36 2.59 -21.52
N GLN B 157 -17.98 3.55 -22.37
CA GLN B 157 -18.95 4.57 -22.92
C GLN B 157 -19.96 5.08 -21.88
N THR B 158 -19.39 5.50 -20.78
CA THR B 158 -20.13 6.00 -19.61
C THR B 158 -19.57 7.39 -19.27
N LYS B 159 -20.46 8.33 -19.08
CA LYS B 159 -20.02 9.69 -18.75
C LYS B 159 -19.78 9.65 -17.27
N VAL B 160 -18.62 10.08 -16.82
CA VAL B 160 -18.29 10.11 -15.39
C VAL B 160 -18.01 11.53 -14.91
N GLU B 161 -18.62 11.90 -13.84
CA GLU B 161 -18.27 13.10 -13.11
C GLU B 161 -17.69 12.68 -11.82
N VAL B 162 -16.54 13.23 -11.45
CA VAL B 162 -15.77 12.78 -10.31
CA VAL B 162 -15.84 12.78 -10.30
C VAL B 162 -15.07 13.93 -9.71
N THR B 163 -15.11 14.01 -8.39
CA THR B 163 -14.21 14.92 -7.74
C THR B 163 -13.69 14.36 -6.40
N GLN B 164 -12.48 14.79 -6.02
CA GLN B 164 -11.98 14.40 -4.73
C GLN B 164 -12.66 15.14 -3.57
N THR B 165 -13.10 14.41 -2.55
CA THR B 165 -13.78 14.95 -1.40
C THR B 165 -13.02 14.74 -0.03
N ALA B 166 -11.97 13.93 0.07
CA ALA B 166 -11.13 13.83 1.31
C ALA B 166 -9.68 13.64 0.83
N PHE B 167 -8.74 14.21 1.55
CA PHE B 167 -7.39 14.34 1.06
C PHE B 167 -6.37 13.90 2.11
N ARG B 168 -5.62 12.83 1.80
CA ARG B 168 -4.52 12.31 2.59
C ARG B 168 -3.47 13.37 2.79
N GLU B 169 -3.12 14.09 1.74
CA GLU B 169 -2.30 15.34 1.85
C GLU B 169 -2.55 16.22 3.08
N THR B 170 -3.80 16.40 3.50
CA THR B 170 -4.14 17.29 4.61
C THR B 170 -4.33 16.49 5.88
N GLY B 171 -3.82 15.25 5.90
CA GLY B 171 -3.91 14.47 7.13
C GLY B 171 -5.16 13.66 7.35
N GLU B 172 -6.16 13.69 6.47
CA GLU B 172 -7.25 12.64 6.52
C GLU B 172 -6.66 11.25 6.32
N ASP B 173 -7.40 10.24 6.76
CA ASP B 173 -6.83 8.91 6.68
C ASP B 173 -6.57 8.43 5.26
N HIS B 174 -7.50 8.67 4.33
CA HIS B 174 -7.33 8.30 2.95
C HIS B 174 -8.08 9.25 2.02
N ASP B 175 -7.65 9.26 0.78
CA ASP B 175 -8.31 9.96 -0.26
C ASP B 175 -9.66 9.33 -0.50
N ILE B 176 -10.69 10.15 -0.68
CA ILE B 176 -12.02 9.71 -1.08
C ILE B 176 -12.49 10.51 -2.24
N PHE B 177 -13.23 9.87 -3.14
CA PHE B 177 -13.75 10.51 -4.36
C PHE B 177 -15.25 10.25 -4.46
N SER B 178 -16.05 11.20 -4.91
CA SER B 178 -17.50 10.95 -5.28
C SER B 178 -17.60 10.93 -6.79
N ILE B 179 -18.25 9.91 -7.27
CA ILE B 179 -18.45 9.68 -8.67
C ILE B 179 -19.98 9.58 -8.97
N LYS B 180 -20.43 10.30 -10.01
CA LYS B 180 -21.69 10.12 -10.67
C LYS B 180 -21.49 9.75 -12.11
N TYR B 181 -22.21 8.75 -12.56
CA TYR B 181 -22.02 8.24 -13.91
C TYR B 181 -23.31 8.01 -14.78
N GLU B 182 -23.05 7.90 -16.09
CA GLU B 182 -23.85 8.21 -17.28
C GLU B 182 -25.26 8.72 -17.06
#